data_3FH0
#
_entry.id   3FH0
#
_cell.length_a   67.604
_cell.length_b   67.604
_cell.length_c   162.986
_cell.angle_alpha   90.00
_cell.angle_beta   90.00
_cell.angle_gamma   120.00
#
_symmetry.space_group_name_H-M   'P 31 2 1'
#
loop_
_entity.id
_entity.type
_entity.pdbx_description
1 polymer 'putative universal stress protein KPN_01444'
2 non-polymer "ADENOSINE-5'-DIPHOSPHATE"
3 non-polymer 1,2-ETHANEDIOL
4 water water
#
_entity_poly.entity_id   1
_entity_poly.type   'polypeptide(L)'
_entity_poly.pdbx_seq_one_letter_code
;SNA(MSE)ILVPIDISDKEFTERIISHVESEARIDDAEVHFLTVIPSLPYYASLG(MSE)AYTAELPG(MSE)DELREGS
ETQLKEIAKKFSIPEDR(MSE)HFHVAEGSPKDKILALAKSLPADLVIIASHRPDITTYLLGSNAAAVVRHAECSVLVVR
;
_entity_poly.pdbx_strand_id   A,B
#
# COMPACT_ATOMS: atom_id res chain seq x y z
N SER A 1 -10.50 -21.29 -0.97
CA SER A 1 -10.37 -20.62 -2.30
C SER A 1 -11.68 -19.91 -2.71
N ASN A 2 -12.00 -18.80 -2.05
CA ASN A 2 -13.16 -17.98 -2.46
C ASN A 2 -12.94 -17.46 -3.89
N ALA A 3 -14.02 -17.13 -4.61
CA ALA A 3 -13.92 -16.48 -5.90
C ALA A 3 -13.31 -15.10 -5.73
N ILE A 5 -12.68 -11.51 -7.87
CA ILE A 5 -13.05 -10.66 -8.97
C ILE A 5 -12.13 -9.44 -8.97
N LEU A 6 -11.48 -9.17 -10.10
CA LEU A 6 -10.64 -7.99 -10.27
C LEU A 6 -11.42 -6.86 -10.94
N VAL A 7 -11.39 -5.68 -10.34
CA VAL A 7 -12.15 -4.53 -10.85
C VAL A 7 -11.17 -3.36 -11.00
N PRO A 8 -10.63 -3.18 -12.22
CA PRO A 8 -9.75 -2.02 -12.40
C PRO A 8 -10.57 -0.76 -12.45
N ILE A 9 -10.10 0.29 -11.81
CA ILE A 9 -10.83 1.55 -11.74
C ILE A 9 -9.88 2.66 -12.17
N ASP A 10 -10.37 3.54 -13.03
CA ASP A 10 -9.61 4.73 -13.38
C ASP A 10 -10.15 5.81 -12.45
N ILE A 11 -9.29 6.31 -11.56
CA ILE A 11 -9.72 7.27 -10.55
C ILE A 11 -9.76 8.71 -11.07
N SER A 12 -9.36 8.91 -12.33
CA SER A 12 -9.40 10.24 -12.96
C SER A 12 -10.81 10.78 -13.16
N ASP A 13 -11.72 9.89 -13.60
CA ASP A 13 -13.09 10.26 -14.00
C ASP A 13 -13.68 9.17 -14.91
N GLU A 18 -20.36 4.45 -13.70
CA GLU A 18 -21.29 4.04 -12.65
C GLU A 18 -22.04 2.81 -13.09
N ARG A 19 -21.93 2.47 -14.38
CA ARG A 19 -22.64 1.32 -14.93
C ARG A 19 -21.99 0.04 -14.45
N ILE A 20 -20.71 0.12 -14.09
CA ILE A 20 -20.08 -1.06 -13.61
C ILE A 20 -20.59 -1.45 -12.20
N ILE A 21 -21.17 -0.52 -11.46
CA ILE A 21 -21.52 -0.78 -10.06
C ILE A 21 -22.50 -1.96 -9.91
N SER A 22 -23.60 -1.92 -10.66
CA SER A 22 -24.62 -2.98 -10.56
C SER A 22 -24.04 -4.34 -10.97
N HIS A 23 -23.16 -4.33 -11.97
CA HIS A 23 -22.49 -5.55 -12.44
C HIS A 23 -21.51 -6.15 -11.47
N VAL A 24 -20.69 -5.30 -10.87
CA VAL A 24 -19.79 -5.77 -9.84
C VAL A 24 -20.57 -6.34 -8.65
N GLU A 25 -21.61 -5.63 -8.24
CA GLU A 25 -22.41 -6.06 -7.09
C GLU A 25 -23.06 -7.43 -7.39
N SER A 26 -23.65 -7.57 -8.58
N SER A 26 -23.66 -7.60 -8.57
CA SER A 26 -24.31 -8.83 -8.94
CA SER A 26 -24.33 -8.87 -8.86
C SER A 26 -23.34 -10.00 -9.04
C SER A 26 -23.34 -10.04 -9.05
N GLU A 27 -22.21 -9.77 -9.70
CA GLU A 27 -21.15 -10.79 -9.83
C GLU A 27 -20.60 -11.20 -8.48
N ALA A 28 -20.34 -10.23 -7.60
CA ALA A 28 -19.85 -10.52 -6.25
C ALA A 28 -20.86 -11.35 -5.45
N ARG A 29 -22.14 -11.05 -5.59
CA ARG A 29 -23.20 -11.75 -4.85
C ARG A 29 -23.30 -13.24 -5.22
N ILE A 30 -22.93 -13.60 -6.45
CA ILE A 30 -22.98 -15.01 -6.90
C ILE A 30 -22.34 -15.99 -5.91
N ASP A 31 -21.16 -15.63 -5.40
N ASP A 31 -21.14 -15.68 -5.42
CA ASP A 31 -20.37 -16.48 -4.48
CA ASP A 31 -20.49 -16.53 -4.41
C ASP A 31 -19.94 -15.81 -3.18
C ASP A 31 -19.81 -15.73 -3.31
N ASP A 32 -20.41 -14.59 -2.93
CA ASP A 32 -19.78 -13.68 -1.95
C ASP A 32 -18.26 -13.60 -2.23
N ALA A 33 -17.92 -13.23 -3.46
CA ALA A 33 -16.55 -13.19 -3.92
C ALA A 33 -15.76 -12.10 -3.21
N GLU A 34 -14.45 -12.28 -3.14
CA GLU A 34 -13.54 -11.17 -2.83
C GLU A 34 -13.48 -10.22 -4.02
N VAL A 35 -13.59 -8.94 -3.76
CA VAL A 35 -13.59 -7.95 -4.80
C VAL A 35 -12.31 -7.11 -4.65
N HIS A 36 -11.44 -7.20 -5.64
CA HIS A 36 -10.15 -6.52 -5.63
C HIS A 36 -10.19 -5.30 -6.55
N PHE A 37 -10.23 -4.10 -5.96
CA PHE A 37 -10.21 -2.91 -6.77
C PHE A 37 -8.74 -2.59 -7.04
N LEU A 38 -8.46 -2.22 -8.28
CA LEU A 38 -7.13 -1.84 -8.67
C LEU A 38 -7.13 -0.51 -9.41
N THR A 39 -6.23 0.40 -9.00
CA THR A 39 -5.95 1.59 -9.79
C THR A 39 -4.47 1.63 -10.17
N VAL A 40 -4.18 2.05 -11.39
CA VAL A 40 -2.80 2.09 -11.86
C VAL A 40 -2.38 3.52 -12.09
N ILE A 41 -1.29 3.93 -11.41
CA ILE A 41 -0.67 5.23 -11.64
C ILE A 41 0.24 5.10 -12.86
N PRO A 42 -0.10 5.78 -13.96
CA PRO A 42 0.76 5.66 -15.17
C PRO A 42 2.21 6.13 -14.91
N SER A 43 3.17 5.48 -15.57
CA SER A 43 4.61 5.79 -15.39
C SER A 43 5.08 7.08 -16.11
N LEU A 44 6.37 7.38 -15.99
CA LEU A 44 7.09 8.48 -16.68
C LEU A 44 6.56 9.89 -16.40
N GLY A 60 6.23 12.83 -5.05
CA GLY A 60 6.87 11.61 -4.55
C GLY A 60 5.95 10.41 -4.75
N ASP A 62 5.51 7.57 -2.97
CA ASP A 62 4.77 7.15 -1.79
C ASP A 62 3.54 8.02 -1.59
N GLU A 63 3.70 9.33 -1.81
CA GLU A 63 2.59 10.29 -1.72
C GLU A 63 1.53 10.07 -2.79
N LEU A 64 1.92 9.87 -4.05
CA LEU A 64 0.95 9.55 -5.10
C LEU A 64 0.20 8.27 -4.81
N ARG A 65 0.91 7.25 -4.35
N ARG A 65 0.92 7.25 -4.36
CA ARG A 65 0.29 5.99 -3.98
CA ARG A 65 0.36 5.97 -3.95
C ARG A 65 -0.78 6.18 -2.88
C ARG A 65 -0.74 6.15 -2.88
N GLU A 66 -0.41 6.91 -1.84
CA GLU A 66 -1.34 7.21 -0.74
C GLU A 66 -2.59 7.96 -1.20
N GLY A 67 -2.43 9.00 -2.01
CA GLY A 67 -3.56 9.77 -2.54
C GLY A 67 -4.40 8.91 -3.48
N SER A 68 -3.74 8.06 -4.25
CA SER A 68 -4.50 7.14 -5.14
C SER A 68 -5.30 6.15 -4.33
N GLU A 69 -4.72 5.61 -3.26
CA GLU A 69 -5.45 4.66 -2.43
C GLU A 69 -6.68 5.30 -1.79
N THR A 70 -6.57 6.56 -1.40
CA THR A 70 -7.66 7.26 -0.73
C THR A 70 -8.80 7.46 -1.73
N GLN A 71 -8.46 7.93 -2.94
CA GLN A 71 -9.49 8.10 -3.98
C GLN A 71 -10.16 6.78 -4.38
N LEU A 72 -9.38 5.69 -4.44
CA LEU A 72 -9.91 4.38 -4.78
C LEU A 72 -10.93 3.97 -3.72
N LYS A 73 -10.61 4.21 -2.44
CA LYS A 73 -11.52 3.84 -1.37
C LYS A 73 -12.80 4.67 -1.39
N GLU A 74 -12.69 5.96 -1.71
N GLU A 74 -12.70 5.95 -1.73
CA GLU A 74 -13.85 6.82 -1.88
CA GLU A 74 -13.87 6.80 -1.84
C GLU A 74 -14.80 6.19 -2.90
C GLU A 74 -14.82 6.35 -2.97
N ILE A 75 -14.25 5.81 -4.05
CA ILE A 75 -15.04 5.26 -5.15
C ILE A 75 -15.73 3.96 -4.72
N ALA A 76 -14.99 3.12 -4.00
CA ALA A 76 -15.50 1.83 -3.56
C ALA A 76 -16.73 1.92 -2.62
N LYS A 77 -16.87 3.03 -1.91
CA LYS A 77 -18.03 3.30 -1.04
C LYS A 77 -19.33 3.30 -1.81
N LYS A 78 -19.27 3.43 -3.13
CA LYS A 78 -20.48 3.45 -3.94
C LYS A 78 -21.03 2.04 -4.17
N PHE A 79 -20.26 1.03 -3.84
CA PHE A 79 -20.55 -0.34 -4.19
C PHE A 79 -21.16 -1.03 -2.95
N SER A 80 -22.28 -1.72 -3.11
CA SER A 80 -22.88 -2.45 -2.00
C SER A 80 -22.25 -3.84 -1.93
N ILE A 81 -21.11 -3.92 -1.26
CA ILE A 81 -20.34 -5.14 -1.11
C ILE A 81 -19.91 -5.15 0.34
N PRO A 82 -19.84 -6.32 1.00
CA PRO A 82 -19.40 -6.30 2.41
C PRO A 82 -17.95 -5.77 2.60
N GLU A 83 -17.71 -5.00 3.65
CA GLU A 83 -16.38 -4.46 3.98
C GLU A 83 -15.31 -5.53 3.93
N ASP A 84 -15.60 -6.68 4.56
CA ASP A 84 -14.70 -7.84 4.63
C ASP A 84 -14.55 -8.63 3.30
N ARG A 85 -15.02 -8.07 2.20
CA ARG A 85 -14.81 -8.71 0.90
C ARG A 85 -14.03 -7.81 -0.05
N HIS A 87 -10.88 -5.38 -1.31
CA HIS A 87 -9.43 -5.27 -1.23
C HIS A 87 -9.00 -4.20 -2.20
N PHE A 88 -7.96 -3.46 -1.84
CA PHE A 88 -7.55 -2.31 -2.59
C PHE A 88 -6.13 -2.48 -3.04
N HIS A 89 -5.88 -2.19 -4.32
CA HIS A 89 -4.54 -2.29 -4.90
C HIS A 89 -4.22 -1.01 -5.66
N VAL A 90 -2.97 -0.57 -5.54
CA VAL A 90 -2.45 0.52 -6.32
C VAL A 90 -1.18 0.04 -7.00
N ALA A 91 -1.11 0.20 -8.31
CA ALA A 91 0.07 -0.16 -9.05
C ALA A 91 0.61 1.06 -9.81
N GLU A 92 1.83 0.93 -10.31
CA GLU A 92 2.42 1.96 -11.12
C GLU A 92 2.92 1.37 -12.45
N GLY A 93 2.66 2.10 -13.53
CA GLY A 93 3.21 1.72 -14.82
C GLY A 93 2.10 1.68 -15.84
N SER A 94 2.19 0.69 -16.73
CA SER A 94 1.17 0.47 -17.76
C SER A 94 -0.10 -0.17 -17.19
N PRO A 95 -1.24 0.52 -17.31
CA PRO A 95 -2.50 0.00 -16.78
C PRO A 95 -2.77 -1.41 -17.29
N LYS A 96 -2.67 -1.63 -18.60
CA LYS A 96 -2.98 -2.97 -19.13
C LYS A 96 -2.01 -4.03 -18.57
N ASP A 97 -0.70 -3.72 -18.52
CA ASP A 97 0.30 -4.64 -17.97
C ASP A 97 0.00 -5.00 -16.50
N LYS A 98 -0.35 -3.99 -15.71
CA LYS A 98 -0.62 -4.22 -14.28
C LYS A 98 -1.94 -4.91 -14.01
N ILE A 99 -2.96 -4.61 -14.81
CA ILE A 99 -4.26 -5.30 -14.65
C ILE A 99 -4.01 -6.79 -14.94
N LEU A 100 -3.29 -7.09 -16.02
CA LEU A 100 -3.02 -8.45 -16.40
C LEU A 100 -2.13 -9.17 -15.37
N ALA A 101 -1.11 -8.47 -14.88
CA ALA A 101 -0.22 -9.06 -13.86
C ALA A 101 -0.99 -9.42 -12.59
N LEU A 102 -1.85 -8.52 -12.13
CA LEU A 102 -2.67 -8.83 -10.96
C LEU A 102 -3.72 -9.92 -11.22
N ALA A 103 -4.34 -9.94 -12.39
CA ALA A 103 -5.27 -11.04 -12.68
C ALA A 103 -4.56 -12.40 -12.63
N LYS A 104 -3.31 -12.42 -13.08
CA LYS A 104 -2.50 -13.64 -13.01
C LYS A 104 -2.08 -14.01 -11.58
N SER A 105 -1.66 -13.03 -10.79
CA SER A 105 -1.12 -13.33 -9.47
C SER A 105 -2.19 -13.61 -8.39
N LEU A 106 -3.39 -13.06 -8.53
CA LEU A 106 -4.42 -13.26 -7.49
C LEU A 106 -4.70 -14.74 -7.15
N PRO A 107 -5.08 -15.59 -8.14
CA PRO A 107 -5.47 -15.32 -9.53
C PRO A 107 -6.93 -14.88 -9.57
N ALA A 108 -7.29 -14.05 -10.54
CA ALA A 108 -8.66 -13.60 -10.71
C ALA A 108 -9.46 -14.69 -11.41
N ASP A 109 -10.70 -14.89 -10.96
CA ASP A 109 -11.67 -15.74 -11.65
C ASP A 109 -12.46 -14.97 -12.68
N LEU A 110 -12.49 -13.65 -12.51
CA LEU A 110 -13.24 -12.75 -13.39
C LEU A 110 -12.56 -11.39 -13.34
N VAL A 111 -12.41 -10.75 -14.51
CA VAL A 111 -12.08 -9.32 -14.59
C VAL A 111 -13.33 -8.61 -15.08
N ILE A 112 -13.72 -7.53 -14.39
CA ILE A 112 -14.84 -6.70 -14.85
C ILE A 112 -14.31 -5.34 -15.24
N ILE A 113 -14.62 -4.92 -16.46
CA ILE A 113 -14.03 -3.71 -17.00
C ILE A 113 -15.02 -2.99 -17.92
N ALA A 114 -15.09 -1.67 -17.83
CA ALA A 114 -15.93 -0.92 -18.73
C ALA A 114 -15.36 -0.99 -20.18
N SER A 115 -16.23 -0.93 -21.19
CA SER A 115 -15.79 -1.06 -22.57
C SER A 115 -14.84 0.09 -22.94
N HIS A 116 -15.14 1.28 -22.42
CA HIS A 116 -14.27 2.46 -22.56
C HIS A 116 -14.71 3.48 -21.53
N ARG A 117 -13.96 4.58 -21.43
CA ARG A 117 -14.35 5.73 -20.62
C ARG A 117 -15.70 6.31 -21.07
N PRO A 118 -16.55 6.68 -20.09
CA PRO A 118 -17.92 7.13 -20.36
C PRO A 118 -17.99 8.33 -21.29
N ASP A 119 -16.96 9.18 -21.24
CA ASP A 119 -16.94 10.39 -22.04
C ASP A 119 -16.18 10.29 -23.38
N ILE A 120 -15.88 9.08 -23.83
CA ILE A 120 -15.23 8.89 -25.16
C ILE A 120 -15.93 7.79 -25.97
N THR A 121 -16.46 8.16 -27.14
CA THR A 121 -17.21 7.23 -27.99
C THR A 121 -16.56 6.86 -29.34
N THR A 122 -15.47 7.51 -29.68
CA THR A 122 -14.73 7.19 -30.90
C THR A 122 -14.35 5.71 -31.02
N TYR A 123 -14.04 5.09 -29.89
CA TYR A 123 -13.57 3.71 -29.89
C TYR A 123 -14.60 2.84 -29.15
N LEU A 124 -15.04 1.76 -29.78
CA LEU A 124 -16.09 0.90 -29.17
C LEU A 124 -15.57 0.09 -28.00
N LEU A 125 -14.31 -0.31 -28.10
CA LEU A 125 -13.52 -0.78 -26.97
C LEU A 125 -12.35 0.16 -26.81
N GLY A 126 -12.06 0.53 -25.58
CA GLY A 126 -10.84 1.28 -25.28
C GLY A 126 -9.68 0.31 -25.32
N SER A 127 -8.47 0.86 -25.22
CA SER A 127 -7.23 0.08 -25.36
C SER A 127 -7.03 -0.92 -24.24
N ASN A 128 -7.25 -0.46 -23.02
CA ASN A 128 -7.10 -1.35 -21.88
C ASN A 128 -8.12 -2.45 -21.89
N ALA A 129 -9.37 -2.13 -22.24
CA ALA A 129 -10.40 -3.13 -22.31
C ALA A 129 -10.09 -4.20 -23.38
N ALA A 130 -9.62 -3.74 -24.55
CA ALA A 130 -9.33 -4.65 -25.65
C ALA A 130 -8.18 -5.58 -25.28
N ALA A 131 -7.15 -5.03 -24.65
CA ALA A 131 -6.02 -5.87 -24.24
C ALA A 131 -6.40 -6.87 -23.12
N VAL A 132 -7.19 -6.43 -22.15
CA VAL A 132 -7.59 -7.32 -21.06
C VAL A 132 -8.47 -8.42 -21.61
N VAL A 133 -9.45 -8.05 -22.43
CA VAL A 133 -10.31 -9.08 -23.00
C VAL A 133 -9.50 -10.17 -23.73
N ARG A 134 -8.51 -9.76 -24.54
N ARG A 134 -8.52 -9.76 -24.54
CA ARG A 134 -7.72 -10.70 -25.33
CA ARG A 134 -7.70 -10.69 -25.32
C ARG A 134 -6.69 -11.49 -24.51
C ARG A 134 -6.72 -11.52 -24.47
N HIS A 135 -6.03 -10.85 -23.55
CA HIS A 135 -4.90 -11.47 -22.87
C HIS A 135 -5.15 -12.06 -21.46
N ALA A 136 -6.28 -11.75 -20.84
CA ALA A 136 -6.52 -12.30 -19.50
C ALA A 136 -6.57 -13.83 -19.58
N GLU A 137 -6.09 -14.50 -18.55
CA GLU A 137 -6.20 -15.96 -18.51
C GLU A 137 -7.55 -16.41 -17.98
N CYS A 138 -8.34 -15.48 -17.44
CA CYS A 138 -9.65 -15.83 -16.96
C CYS A 138 -10.74 -15.15 -17.79
N SER A 139 -11.99 -15.42 -17.43
CA SER A 139 -13.13 -14.77 -18.05
C SER A 139 -13.10 -13.27 -17.81
N VAL A 140 -13.68 -12.53 -18.76
CA VAL A 140 -13.70 -11.10 -18.64
C VAL A 140 -15.09 -10.62 -18.96
N LEU A 141 -15.61 -9.75 -18.11
CA LEU A 141 -16.92 -9.18 -18.37
C LEU A 141 -16.68 -7.74 -18.85
N VAL A 142 -17.09 -7.43 -20.07
CA VAL A 142 -16.95 -6.08 -20.57
C VAL A 142 -18.29 -5.42 -20.38
N VAL A 143 -18.31 -4.31 -19.64
CA VAL A 143 -19.57 -3.69 -19.22
C VAL A 143 -19.93 -2.52 -20.09
N ARG A 144 -21.19 -2.50 -20.53
CA ARG A 144 -21.80 -1.40 -21.25
C ARG A 144 -23.15 -1.15 -20.64
N ASN B 2 3.35 19.42 10.04
CA ASN B 2 4.64 19.97 9.50
C ASN B 2 5.91 19.25 10.02
N ALA B 3 6.02 19.04 11.34
CA ALA B 3 7.05 18.16 11.88
C ALA B 3 6.84 16.74 11.34
N ILE B 5 8.14 12.65 11.84
CA ILE B 5 8.79 11.60 12.61
C ILE B 5 8.87 10.34 11.72
N LEU B 6 10.08 9.77 11.63
CA LEU B 6 10.25 8.51 10.90
C LEU B 6 10.28 7.37 11.93
N VAL B 7 9.48 6.34 11.71
CA VAL B 7 9.41 5.18 12.60
C VAL B 7 9.64 3.91 11.75
N PRO B 8 10.90 3.41 11.72
CA PRO B 8 11.14 2.16 10.97
C PRO B 8 10.60 0.98 11.78
N ILE B 9 9.89 0.08 11.11
CA ILE B 9 9.30 -1.09 11.74
C ILE B 9 9.80 -2.31 10.98
N ASP B 10 10.28 -3.30 11.71
CA ASP B 10 10.58 -4.60 11.17
C ASP B 10 9.30 -5.44 11.32
N ILE B 11 8.69 -5.79 10.20
CA ILE B 11 7.37 -6.47 10.22
C ILE B 11 7.46 -7.96 10.60
N SER B 12 8.68 -8.48 10.77
CA SER B 12 8.86 -9.82 11.38
C SER B 12 8.60 -9.77 12.87
N ASP B 13 9.30 -8.88 13.58
CA ASP B 13 9.10 -8.69 15.04
C ASP B 13 9.30 -7.24 15.53
N GLU B 18 6.58 -3.28 21.17
CA GLU B 18 5.42 -2.71 21.84
C GLU B 18 5.88 -1.49 22.61
N ARG B 19 7.14 -1.50 23.02
CA ARG B 19 7.73 -0.42 23.81
C ARG B 19 7.76 0.90 23.07
N ILE B 20 7.90 0.85 21.76
CA ILE B 20 8.00 2.09 21.01
C ILE B 20 6.63 2.80 20.91
N ILE B 21 5.53 2.10 21.19
CA ILE B 21 4.20 2.67 20.93
C ILE B 21 3.98 3.97 21.74
N SER B 22 4.27 3.93 23.03
N SER B 22 4.27 3.94 23.04
CA SER B 22 4.06 5.09 23.92
CA SER B 22 4.02 5.11 23.90
C SER B 22 4.91 6.29 23.52
C SER B 22 4.91 6.29 23.54
N HIS B 23 6.16 6.01 23.14
CA HIS B 23 7.10 7.03 22.72
C HIS B 23 6.70 7.69 21.43
N VAL B 24 6.31 6.89 20.45
CA VAL B 24 5.81 7.42 19.20
C VAL B 24 4.57 8.29 19.40
N GLU B 25 3.59 7.79 20.17
CA GLU B 25 2.35 8.51 20.44
C GLU B 25 2.68 9.84 21.10
N SER B 26 3.61 9.83 22.07
CA SER B 26 3.97 11.03 22.83
C SER B 26 4.72 12.05 21.99
N GLU B 27 5.69 11.56 21.23
CA GLU B 27 6.45 12.43 20.33
C GLU B 27 5.56 13.04 19.29
N ALA B 28 4.62 12.26 18.74
CA ALA B 28 3.68 12.78 17.77
C ALA B 28 2.77 13.88 18.36
N ARG B 29 2.40 13.77 19.63
CA ARG B 29 1.51 14.75 20.27
C ARG B 29 2.13 16.15 20.46
N ILE B 30 3.45 16.20 20.63
CA ILE B 30 4.23 17.45 20.79
C ILE B 30 3.91 18.55 19.76
N ASP B 31 3.73 18.17 18.49
N ASP B 31 3.77 18.14 18.51
CA ASP B 31 3.45 19.13 17.41
CA ASP B 31 3.54 19.06 17.40
C ASP B 31 2.26 18.77 16.53
C ASP B 31 2.58 18.49 16.37
N ASP B 32 1.64 17.62 16.79
CA ASP B 32 0.75 16.94 15.84
C ASP B 32 1.59 16.59 14.57
N ALA B 33 2.73 15.90 14.80
CA ALA B 33 3.65 15.52 13.76
C ALA B 33 3.00 14.56 12.77
N GLU B 34 3.43 14.60 11.52
CA GLU B 34 3.19 13.51 10.61
C GLU B 34 4.07 12.32 11.07
N VAL B 35 3.52 11.12 11.05
CA VAL B 35 4.24 9.94 11.46
C VAL B 35 4.39 9.02 10.26
N HIS B 36 5.63 8.86 9.81
CA HIS B 36 5.97 8.04 8.65
C HIS B 36 6.49 6.69 9.09
N PHE B 37 5.69 5.65 8.87
CA PHE B 37 6.09 4.31 9.17
C PHE B 37 6.83 3.73 7.96
N LEU B 38 7.99 3.12 8.20
CA LEU B 38 8.74 2.51 7.11
C LEU B 38 9.09 1.06 7.44
N THR B 39 8.88 0.17 6.48
CA THR B 39 9.46 -1.15 6.57
C THR B 39 10.35 -1.44 5.34
N VAL B 40 11.46 -2.12 5.56
CA VAL B 40 12.39 -2.38 4.46
C VAL B 40 12.43 -3.85 4.26
N ILE B 41 12.15 -4.31 3.05
CA ILE B 41 12.24 -5.73 2.78
C ILE B 41 13.63 -6.03 2.24
N PRO B 42 14.38 -6.90 2.94
CA PRO B 42 15.79 -7.08 2.54
C PRO B 42 15.96 -7.79 1.20
N SER B 43 17.13 -7.59 0.59
CA SER B 43 17.42 -8.12 -0.74
C SER B 43 17.78 -9.61 -0.74
N LEU B 44 17.61 -10.25 -1.91
CA LEU B 44 18.10 -11.60 -2.17
C LEU B 44 19.57 -11.47 -2.52
N PRO B 59 5.44 -14.10 -4.39
CA PRO B 59 6.76 -14.22 -5.01
C PRO B 59 7.16 -12.93 -5.77
N GLY B 60 6.31 -12.48 -6.70
CA GLY B 60 6.51 -11.21 -7.40
C GLY B 60 6.76 -10.03 -6.45
N ASP B 62 5.87 -6.86 -6.68
CA ASP B 62 4.59 -6.17 -6.47
C ASP B 62 3.78 -6.77 -5.32
N GLU B 63 3.63 -8.10 -5.31
N GLU B 63 3.66 -8.10 -5.33
CA GLU B 63 2.90 -8.76 -4.23
CA GLU B 63 2.97 -8.87 -4.31
C GLU B 63 3.61 -8.69 -2.88
C GLU B 63 3.62 -8.75 -2.92
N LEU B 64 4.95 -8.79 -2.88
CA LEU B 64 5.72 -8.63 -1.64
C LEU B 64 5.58 -7.23 -1.06
N ARG B 65 5.68 -6.22 -1.91
CA ARG B 65 5.47 -4.84 -1.49
C ARG B 65 4.09 -4.65 -0.88
N GLU B 66 3.04 -5.11 -1.57
CA GLU B 66 1.69 -4.98 -1.05
C GLU B 66 1.46 -5.76 0.23
N GLY B 67 1.93 -7.00 0.28
CA GLY B 67 1.88 -7.80 1.50
C GLY B 67 2.60 -7.13 2.66
N SER B 68 3.75 -6.52 2.39
CA SER B 68 4.50 -5.81 3.43
C SER B 68 3.76 -4.57 3.94
N GLU B 69 3.14 -3.83 3.02
CA GLU B 69 2.38 -2.63 3.39
C GLU B 69 1.16 -2.99 4.25
N THR B 70 0.51 -4.10 3.91
CA THR B 70 -0.65 -4.56 4.67
C THR B 70 -0.26 -4.90 6.10
N GLN B 71 0.82 -5.67 6.28
CA GLN B 71 1.31 -5.97 7.64
C GLN B 71 1.77 -4.71 8.38
N LEU B 72 2.41 -3.78 7.68
CA LEU B 72 2.83 -2.52 8.29
C LEU B 72 1.61 -1.77 8.85
N LYS B 73 0.55 -1.69 8.05
CA LYS B 73 -0.68 -1.04 8.48
C LYS B 73 -1.36 -1.72 9.66
N GLU B 74 -1.32 -3.06 9.73
N GLU B 74 -1.29 -3.06 9.71
CA GLU B 74 -1.93 -3.76 10.87
CA GLU B 74 -1.85 -3.86 10.80
C GLU B 74 -1.20 -3.40 12.16
C GLU B 74 -1.20 -3.50 12.14
N ILE B 75 0.12 -3.33 12.11
CA ILE B 75 0.93 -2.92 13.29
C ILE B 75 0.59 -1.49 13.71
N ALA B 76 0.47 -0.61 12.73
CA ALA B 76 0.18 0.79 12.99
C ALA B 76 -1.17 1.00 13.69
N LYS B 77 -2.10 0.05 13.56
CA LYS B 77 -3.39 0.12 14.25
C LYS B 77 -3.23 0.07 15.77
N LYS B 78 -2.07 -0.32 16.24
CA LYS B 78 -1.80 -0.38 17.67
C LYS B 78 -1.48 1.01 18.25
N PHE B 79 -1.30 2.01 17.38
CA PHE B 79 -0.78 3.31 17.79
C PHE B 79 -1.96 4.31 17.84
N SER B 80 -2.08 5.07 18.91
CA SER B 80 -3.15 6.07 19.01
C SER B 80 -2.67 7.38 18.39
N ILE B 81 -2.82 7.50 17.07
CA ILE B 81 -2.32 8.61 16.27
C ILE B 81 -3.44 8.88 15.28
N PRO B 82 -3.71 10.16 14.94
CA PRO B 82 -4.82 10.34 13.98
C PRO B 82 -4.51 9.76 12.59
N GLU B 83 -5.55 9.25 11.93
CA GLU B 83 -5.45 8.65 10.60
C GLU B 83 -4.80 9.58 9.62
N ASP B 84 -5.21 10.84 9.63
CA ASP B 84 -4.68 11.87 8.74
C ASP B 84 -3.25 12.33 9.09
N ARG B 85 -2.59 11.64 10.02
CA ARG B 85 -1.18 11.94 10.33
C ARG B 85 -0.23 10.77 10.07
N HIS B 87 1.55 7.82 7.66
CA HIS B 87 1.95 7.62 6.27
C HIS B 87 2.76 6.36 6.25
N PHE B 88 2.69 5.64 5.13
CA PHE B 88 3.28 4.30 5.08
C PHE B 88 4.26 4.22 3.93
N HIS B 89 5.41 3.58 4.17
CA HIS B 89 6.49 3.45 3.20
C HIS B 89 7.03 2.03 3.24
N VAL B 90 7.33 1.50 2.05
CA VAL B 90 7.95 0.21 1.93
C VAL B 90 9.15 0.39 1.03
N ALA B 91 10.33 -0.01 1.49
CA ALA B 91 11.51 0.06 0.64
C ALA B 91 12.15 -1.34 0.51
N GLU B 92 13.04 -1.49 -0.47
N GLU B 92 13.00 -1.49 -0.51
CA GLU B 92 13.71 -2.77 -0.71
CA GLU B 92 13.74 -2.72 -0.69
C GLU B 92 15.22 -2.64 -0.63
C GLU B 92 15.22 -2.48 -0.43
N GLY B 93 15.84 -3.41 0.27
CA GLY B 93 17.31 -3.41 0.39
C GLY B 93 17.86 -3.49 1.79
N SER B 94 18.98 -2.82 2.02
N SER B 94 18.99 -2.85 2.04
CA SER B 94 19.57 -2.64 3.35
CA SER B 94 19.56 -2.78 3.39
C SER B 94 18.62 -1.80 4.21
C SER B 94 18.73 -1.82 4.24
N PRO B 95 18.24 -2.30 5.39
CA PRO B 95 17.37 -1.49 6.25
C PRO B 95 18.05 -0.16 6.66
N LYS B 96 19.31 -0.22 7.09
CA LYS B 96 19.95 1.02 7.55
C LYS B 96 20.09 2.04 6.43
N ASP B 97 20.49 1.59 5.23
CA ASP B 97 20.59 2.49 4.07
C ASP B 97 19.25 3.17 3.72
N LYS B 98 18.16 2.40 3.74
CA LYS B 98 16.84 2.95 3.38
C LYS B 98 16.22 3.81 4.48
N ILE B 99 16.41 3.41 5.73
CA ILE B 99 16.02 4.26 6.86
C ILE B 99 16.70 5.62 6.73
N LEU B 100 18.03 5.61 6.52
CA LEU B 100 18.78 6.85 6.37
C LEU B 100 18.40 7.66 5.13
N ALA B 101 18.18 7.00 4.00
CA ALA B 101 17.74 7.69 2.78
C ALA B 101 16.41 8.43 2.98
N LEU B 102 15.44 7.75 3.62
CA LEU B 102 14.14 8.39 3.84
C LEU B 102 14.23 9.52 4.90
N ALA B 103 15.02 9.31 5.94
CA ALA B 103 15.18 10.36 6.96
C ALA B 103 15.73 11.64 6.31
N LYS B 104 16.63 11.45 5.33
CA LYS B 104 17.19 12.57 4.58
C LYS B 104 16.17 13.23 3.64
N SER B 105 15.39 12.43 2.92
CA SER B 105 14.55 12.96 1.86
C SER B 105 13.19 13.51 2.35
N LEU B 106 12.66 13.00 3.46
CA LEU B 106 11.36 13.49 3.98
C LEU B 106 11.29 15.03 4.13
N PRO B 107 12.24 15.68 4.85
CA PRO B 107 13.28 15.16 5.75
C PRO B 107 12.67 14.93 7.15
N ALA B 108 13.15 13.92 7.86
CA ALA B 108 12.67 13.65 9.23
C ALA B 108 13.27 14.66 10.21
N ASP B 109 12.47 15.07 11.19
CA ASP B 109 12.91 15.86 12.34
C ASP B 109 13.31 14.92 13.46
N LEU B 110 12.81 13.70 13.42
CA LEU B 110 13.13 12.72 14.44
C LEU B 110 13.04 11.32 13.85
N VAL B 111 13.98 10.44 14.21
CA VAL B 111 13.82 9.04 13.96
C VAL B 111 13.62 8.37 15.32
N ILE B 112 12.65 7.47 15.40
CA ILE B 112 12.42 6.70 16.62
C ILE B 112 12.64 5.24 16.32
N ILE B 113 13.55 4.60 17.08
CA ILE B 113 13.95 3.24 16.77
C ILE B 113 14.17 2.47 18.09
N ALA B 114 13.74 1.21 18.17
CA ALA B 114 14.06 0.39 19.34
C ALA B 114 15.58 0.12 19.39
N SER B 115 16.17 -0.02 20.58
CA SER B 115 17.59 -0.29 20.70
C SER B 115 17.97 -1.60 19.99
N HIS B 116 17.09 -2.58 20.06
CA HIS B 116 17.28 -3.86 19.36
C HIS B 116 15.96 -4.61 19.25
N ARG B 117 15.96 -5.73 18.52
CA ARG B 117 14.84 -6.66 18.48
C ARG B 117 14.51 -7.11 19.90
N PRO B 118 13.21 -7.16 20.25
CA PRO B 118 12.80 -7.44 21.65
C PRO B 118 13.37 -8.75 22.22
N ASP B 119 13.50 -9.76 21.37
CA ASP B 119 13.90 -11.10 21.78
C ASP B 119 15.42 -11.37 21.77
N ILE B 120 16.23 -10.37 21.46
CA ILE B 120 17.70 -10.59 21.43
C ILE B 120 18.44 -9.64 22.38
N THR B 121 19.16 -10.23 23.34
CA THR B 121 19.80 -9.47 24.42
C THR B 121 21.33 -9.29 24.30
N THR B 122 21.97 -10.06 23.43
CA THR B 122 23.44 -10.05 23.35
C THR B 122 24.08 -8.75 22.82
N TYR B 123 23.35 -7.97 22.03
CA TYR B 123 23.86 -6.71 21.52
C TYR B 123 23.02 -5.54 22.11
N LEU B 124 23.60 -4.76 23.04
CA LEU B 124 22.84 -3.71 23.78
C LEU B 124 22.20 -2.68 22.86
N LEU B 125 22.77 -2.62 21.67
CA LEU B 125 22.32 -1.77 20.62
C LEU B 125 22.47 -2.58 19.32
N GLY B 126 21.35 -2.85 18.65
CA GLY B 126 21.37 -3.60 17.39
C GLY B 126 22.13 -2.83 16.32
N SER B 127 22.39 -3.45 15.17
CA SER B 127 23.31 -2.83 14.22
C SER B 127 22.62 -1.72 13.40
N ASN B 128 21.33 -1.91 13.11
CA ASN B 128 20.53 -0.86 12.49
C ASN B 128 20.33 0.35 13.37
N ALA B 129 19.99 0.13 14.64
CA ALA B 129 19.90 1.22 15.62
C ALA B 129 21.22 2.01 15.73
N ALA B 130 22.35 1.30 15.85
CA ALA B 130 23.67 1.94 15.95
C ALA B 130 24.01 2.78 14.73
N ALA B 131 23.68 2.29 13.53
CA ALA B 131 24.03 3.04 12.32
C ALA B 131 23.13 4.28 12.17
N VAL B 132 21.86 4.14 12.52
CA VAL B 132 20.93 5.26 12.44
C VAL B 132 21.30 6.36 13.44
N VAL B 133 21.51 5.99 14.69
N VAL B 133 21.52 5.99 14.70
CA VAL B 133 21.88 6.97 15.70
CA VAL B 133 22.05 6.94 15.67
C VAL B 133 23.19 7.71 15.41
C VAL B 133 23.23 7.74 15.13
N ARG B 134 24.09 7.10 14.63
N ARG B 134 24.25 7.04 14.63
CA ARG B 134 25.34 7.76 14.26
CA ARG B 134 25.47 7.71 14.19
C ARG B 134 25.23 8.58 12.96
C ARG B 134 25.28 8.55 12.93
N HIS B 135 24.54 8.03 11.97
CA HIS B 135 24.51 8.63 10.62
C HIS B 135 23.32 9.53 10.27
N ALA B 136 22.26 9.50 11.07
CA ALA B 136 21.07 10.31 10.73
C ALA B 136 21.47 11.79 10.85
N GLU B 137 20.92 12.65 10.01
CA GLU B 137 21.25 14.07 10.11
C GLU B 137 20.33 14.78 11.10
N CYS B 138 19.32 14.07 11.60
CA CYS B 138 18.44 14.64 12.58
C CYS B 138 18.60 13.92 13.91
N SER B 139 17.83 14.38 14.90
CA SER B 139 17.78 13.75 16.21
C SER B 139 17.26 12.32 16.15
N VAL B 140 17.74 11.48 17.07
CA VAL B 140 17.30 10.11 17.07
C VAL B 140 16.93 9.71 18.49
N LEU B 141 15.74 9.12 18.63
CA LEU B 141 15.30 8.60 19.93
C LEU B 141 15.49 7.10 19.89
N VAL B 142 16.37 6.57 20.75
CA VAL B 142 16.54 5.13 20.89
C VAL B 142 15.72 4.67 22.07
N VAL B 143 14.77 3.78 21.82
CA VAL B 143 13.75 3.39 22.81
C VAL B 143 14.15 2.08 23.49
N ARG B 144 14.11 2.03 24.82
CA ARG B 144 14.23 0.77 25.56
C ARG B 144 13.02 0.58 26.45
#